data_2Z31
#
_entry.id   2Z31
#
_cell.length_a   97.332
_cell.length_b   97.332
_cell.length_c   174.369
_cell.angle_alpha   90.00
_cell.angle_beta   90.00
_cell.angle_gamma   90.00
#
_symmetry.space_group_name_H-M   'P 41 2 2'
#
loop_
_entity.id
_entity.type
_entity.pdbx_description
1 polymer 'T-cell receptor alpha-chain'
2 polymer 'T-cell receptor beta-chain'
3 polymer 'H-2 class II histocompatibility antigen, A-U alpha chain'
4 polymer 'H-2 class II histocompatibility antigen, A-U beta chain precursor'
5 polymer 'Myelin basic protein (MBP)-peptide'
#
loop_
_entity_poly.entity_id
_entity_poly.type
_entity_poly.pdbx_seq_one_letter_code
_entity_poly.pdbx_strand_id
1 'polypeptide(L)'
;DSVTQTGGQVALSEEDFLTIHCNYSASGYPALFWYVQYPGEGPQFLFRASRDKEKGSSRGFEATYNKEATSFHLQKASVQ
ESDSAVYYCALSENYGNEKITFGAGTKLQVVP
;
A
2 'polypeptide(L)'
;AVTQSPRNKVAVTGEKVTLSCNQTNNHNNMYWYRQDTGHGLRLIYYSYGAGSTEKGDIPDGYKASRPSQENFSLTLESAT
PSQTSVYFCASGDASGGNTLYFGAGTRLSVL
;
B
3 'polypeptide(L)'
;IEADHVGSYGIVVYQSPGDIGQYTFEFDGDELFYVDLDKKETIWMLPEFAQLRSFDPQGGLQNIATGKHNLGVLTKRSNS
TPATNEAPQATVFPKSPVLLGQPNTLICFVDNIFPPVINITWLRNSKSVADGVYETSFFVNRDYSFHKLSYLTFIPSDDD
IYDCKVEHWGLEEPVLKHWEP
;
C
4 'polypeptide(L)'
;GDSERHFVVQFQPFCYFTNGTQRIRYVTRYIYNREEYLRFDSDVGEYRAVTELGRPDAEYYNKQYLERTRAELDTVCRYN
YEETEVPTSLRRLEQPNVVISLSRTEALNHHNTLVCSVTDFYPAKIKVRWFRNGQEETVGVSSTQLIRNGDWTFQVLVML
EMTPRRGEVYTCHVEHPSLKSPITVEWRA
;
D
5 'polypeptide(L)' RGGASQYRPSQ P
#
# COMPACT_ATOMS: atom_id res chain seq x y z
N ASP A 1 2.70 13.22 15.40
CA ASP A 1 1.31 13.61 15.41
C ASP A 1 0.94 13.86 16.84
N SER A 2 -0.03 14.74 17.07
CA SER A 2 -0.45 15.06 18.42
C SER A 2 -1.87 15.55 18.45
N VAL A 3 -2.56 15.27 19.54
CA VAL A 3 -3.93 15.72 19.69
C VAL A 3 -3.93 16.60 20.92
N THR A 4 -3.94 17.91 20.74
CA THR A 4 -3.93 18.80 21.87
C THR A 4 -5.35 19.20 22.22
N GLN A 5 -5.71 19.07 23.49
CA GLN A 5 -7.08 19.38 23.89
C GLN A 5 -7.27 20.19 25.16
N THR A 6 -8.39 20.91 25.17
CA THR A 6 -8.82 21.79 26.25
C THR A 6 -8.27 21.43 27.65
N GLY A 7 -7.70 22.42 28.32
CA GLY A 7 -7.14 22.29 29.64
C GLY A 7 -7.13 20.92 30.32
N GLY A 8 -7.47 20.94 31.61
CA GLY A 8 -7.51 19.73 32.40
C GLY A 8 -8.89 19.49 32.99
N GLN A 9 -9.38 20.42 33.81
CA GLN A 9 -10.70 20.24 34.38
C GLN A 9 -11.70 21.36 34.18
N VAL A 10 -12.92 21.00 33.82
CA VAL A 10 -13.98 21.96 33.61
C VAL A 10 -15.16 21.60 34.47
N ALA A 11 -15.90 22.60 34.92
CA ALA A 11 -17.07 22.38 35.76
C ALA A 11 -18.31 23.12 35.21
N LEU A 12 -19.40 22.37 35.06
CA LEU A 12 -20.65 22.94 34.55
C LEU A 12 -21.82 22.59 35.45
N SER A 13 -22.94 23.25 35.24
CA SER A 13 -24.15 22.97 36.00
C SER A 13 -24.98 22.11 35.08
N GLU A 14 -25.93 21.36 35.63
CA GLU A 14 -26.76 20.56 34.75
C GLU A 14 -27.48 21.50 33.80
N GLU A 15 -27.84 21.02 32.62
CA GLU A 15 -28.55 21.84 31.64
C GLU A 15 -27.66 22.83 30.90
N ASP A 16 -26.40 22.95 31.33
CA ASP A 16 -25.47 23.85 30.66
C ASP A 16 -25.10 23.30 29.29
N PHE A 17 -24.36 24.09 28.53
CA PHE A 17 -23.92 23.66 27.22
C PHE A 17 -22.46 23.21 27.23
N LEU A 18 -22.24 21.95 26.89
CA LEU A 18 -20.87 21.41 26.87
C LEU A 18 -20.07 21.71 25.59
N THR A 19 -18.79 22.00 25.78
CA THR A 19 -17.91 22.27 24.65
C THR A 19 -16.49 21.91 25.06
N ILE A 20 -15.91 20.89 24.46
CA ILE A 20 -14.55 20.48 24.79
C ILE A 20 -13.70 20.60 23.55
N HIS A 21 -12.72 21.48 23.58
CA HIS A 21 -11.85 21.71 22.44
C HIS A 21 -10.82 20.64 22.17
N CYS A 22 -10.56 20.43 20.89
CA CYS A 22 -9.58 19.46 20.44
C CYS A 22 -9.05 19.87 19.09
N ASN A 23 -7.74 20.02 19.01
CA ASN A 23 -7.08 20.38 17.77
C ASN A 23 -6.05 19.31 17.60
N TYR A 24 -5.72 19.00 16.35
CA TYR A 24 -4.76 17.96 16.11
C TYR A 24 -3.70 18.43 15.15
N SER A 25 -2.56 17.73 15.17
CA SER A 25 -1.45 18.07 14.31
C SER A 25 -1.03 16.78 13.60
N ALA A 26 -1.58 16.53 12.42
CA ALA A 26 -1.27 15.31 11.69
C ALA A 26 -0.58 15.49 10.34
N SER A 27 0.12 14.44 9.91
CA SER A 27 0.83 14.45 8.64
C SER A 27 0.04 13.96 7.45
N GLY A 28 -0.93 13.10 7.68
CA GLY A 28 -1.74 12.61 6.60
C GLY A 28 -3.18 13.06 6.76
N TYR A 29 -4.10 12.22 6.32
CA TYR A 29 -5.51 12.51 6.44
C TYR A 29 -6.03 11.46 7.42
N PRO A 30 -6.08 11.82 8.71
CA PRO A 30 -6.51 10.99 9.84
C PRO A 30 -7.99 10.94 10.16
N ALA A 31 -8.38 9.86 10.81
CA ALA A 31 -9.75 9.68 11.24
C ALA A 31 -9.75 10.28 12.65
N LEU A 32 -10.85 10.91 13.05
CA LEU A 32 -10.91 11.52 14.35
C LEU A 32 -12.00 10.92 15.21
N PHE A 33 -11.76 10.79 16.51
CA PHE A 33 -12.78 10.26 17.39
C PHE A 33 -12.81 10.88 18.77
N TRP A 34 -13.73 10.38 19.58
CA TRP A 34 -13.89 10.79 20.95
C TRP A 34 -14.24 9.54 21.72
N TYR A 35 -13.67 9.40 22.91
CA TYR A 35 -13.94 8.27 23.80
C TYR A 35 -14.29 8.88 25.13
N VAL A 36 -14.93 8.10 25.99
CA VAL A 36 -15.31 8.57 27.32
C VAL A 36 -14.78 7.63 28.39
N GLN A 37 -14.37 8.19 29.52
CA GLN A 37 -13.90 7.33 30.60
C GLN A 37 -14.72 7.60 31.84
N TYR A 38 -15.82 6.86 31.97
CA TYR A 38 -16.69 6.99 33.12
C TYR A 38 -15.96 6.46 34.36
N PRO A 39 -16.34 6.95 35.55
CA PRO A 39 -15.72 6.53 36.81
C PRO A 39 -15.56 5.02 37.05
N GLY A 40 -14.32 4.60 37.31
CA GLY A 40 -14.06 3.19 37.57
C GLY A 40 -14.02 2.23 36.39
N GLU A 41 -14.13 2.77 35.18
CA GLU A 41 -14.11 1.92 34.01
C GLU A 41 -12.94 2.26 33.11
N GLY A 42 -12.91 1.59 31.97
CA GLY A 42 -11.88 1.84 30.98
C GLY A 42 -12.52 2.77 29.95
N PRO A 43 -11.71 3.49 29.17
CA PRO A 43 -12.30 4.38 28.18
C PRO A 43 -13.22 3.58 27.24
N GLN A 44 -14.02 4.29 26.46
CA GLN A 44 -14.90 3.63 25.49
C GLN A 44 -15.29 4.56 24.35
N PHE A 45 -15.42 3.97 23.17
CA PHE A 45 -15.78 4.65 21.93
C PHE A 45 -17.05 5.48 22.05
N LEU A 46 -17.08 6.58 21.32
CA LEU A 46 -18.24 7.46 21.34
C LEU A 46 -18.71 7.62 19.90
N PHE A 47 -17.83 8.04 19.01
CA PHE A 47 -18.19 8.16 17.62
C PHE A 47 -16.95 8.54 16.83
N ARG A 48 -16.92 8.25 15.53
CA ARG A 48 -15.77 8.62 14.72
C ARG A 48 -16.17 9.65 13.66
N ALA A 49 -15.23 9.97 12.77
CA ALA A 49 -15.45 10.93 11.68
C ALA A 49 -14.26 10.76 10.76
N SER A 50 -14.52 10.34 9.52
CA SER A 50 -13.44 10.07 8.58
C SER A 50 -12.99 11.14 7.58
N ARG A 51 -13.76 12.19 7.39
CA ARG A 51 -13.35 13.18 6.39
C ARG A 51 -13.89 14.56 6.70
N ASP A 52 -13.16 15.57 6.21
CA ASP A 52 -13.50 16.96 6.41
C ASP A 52 -14.97 17.24 6.21
N LYS A 53 -15.56 17.94 7.18
CA LYS A 53 -16.98 18.30 7.16
C LYS A 53 -17.89 17.21 7.75
N GLU A 54 -17.40 15.98 7.82
CA GLU A 54 -18.21 14.92 8.39
C GLU A 54 -18.48 15.19 9.88
N LYS A 55 -19.68 14.87 10.33
CA LYS A 55 -20.06 15.07 11.72
C LYS A 55 -20.30 13.72 12.38
N GLY A 56 -19.82 13.58 13.61
CA GLY A 56 -20.02 12.34 14.35
C GLY A 56 -20.89 12.63 15.55
N SER A 57 -21.75 11.68 15.92
CA SER A 57 -22.62 11.87 17.07
C SER A 57 -22.81 10.59 17.84
N SER A 58 -23.34 10.71 19.06
CA SER A 58 -23.60 9.57 19.91
C SER A 58 -24.05 10.04 21.28
N ARG A 59 -25.15 9.48 21.76
CA ARG A 59 -25.68 9.85 23.05
C ARG A 59 -25.78 11.35 23.26
N GLY A 60 -26.17 12.07 22.21
CA GLY A 60 -26.32 13.51 22.33
C GLY A 60 -25.05 14.31 22.12
N PHE A 61 -23.90 13.64 22.18
CA PHE A 61 -22.61 14.29 21.96
C PHE A 61 -22.31 14.31 20.48
N GLU A 62 -21.67 15.36 20.00
CA GLU A 62 -21.35 15.47 18.59
C GLU A 62 -20.13 16.35 18.34
N ALA A 63 -19.45 16.09 17.24
CA ALA A 63 -18.26 16.83 16.83
C ALA A 63 -18.09 16.77 15.31
N THR A 64 -17.73 17.90 14.71
CA THR A 64 -17.53 17.99 13.27
C THR A 64 -16.08 18.09 12.81
N TYR A 65 -15.68 17.18 11.94
CA TYR A 65 -14.33 17.16 11.39
C TYR A 65 -14.06 18.47 10.67
N ASN A 66 -13.17 19.31 11.19
CA ASN A 66 -12.85 20.58 10.52
C ASN A 66 -11.39 20.61 10.08
N LYS A 67 -11.13 20.18 8.86
CA LYS A 67 -9.78 20.12 8.33
C LYS A 67 -9.09 21.47 8.25
N GLU A 68 -9.90 22.52 8.13
CA GLU A 68 -9.43 23.89 8.00
C GLU A 68 -8.73 24.43 9.25
N ALA A 69 -9.35 24.21 10.40
CA ALA A 69 -8.81 24.65 11.68
C ALA A 69 -8.30 23.44 12.44
N THR A 70 -8.07 22.36 11.70
CA THR A 70 -7.63 21.09 12.28
C THR A 70 -8.27 20.91 13.65
N SER A 71 -9.60 21.01 13.68
CA SER A 71 -10.37 20.88 14.92
C SER A 71 -11.44 19.78 14.91
N PHE A 72 -11.78 19.29 16.09
CA PHE A 72 -12.79 18.25 16.21
C PHE A 72 -13.51 18.48 17.54
N HIS A 73 -13.91 19.73 17.76
CA HIS A 73 -14.59 20.15 18.98
C HIS A 73 -15.89 19.44 19.38
N LEU A 74 -15.88 18.87 20.58
CA LEU A 74 -17.00 18.14 21.14
C LEU A 74 -18.06 19.07 21.72
N GLN A 75 -19.32 18.84 21.34
CA GLN A 75 -20.41 19.67 21.82
C GLN A 75 -21.64 18.87 22.24
N LYS A 76 -22.28 19.30 23.32
CA LYS A 76 -23.50 18.63 23.77
C LYS A 76 -24.60 19.55 24.21
N ALA A 77 -25.83 19.11 23.93
CA ALA A 77 -27.07 19.81 24.23
C ALA A 77 -26.99 20.47 25.60
N SER A 78 -27.43 19.73 26.61
CA SER A 78 -27.39 20.20 27.98
C SER A 78 -26.89 18.98 28.72
N VAL A 79 -25.77 19.15 29.41
CA VAL A 79 -25.18 18.05 30.15
C VAL A 79 -26.00 17.62 31.37
N GLN A 80 -25.83 16.37 31.74
CA GLN A 80 -26.51 15.77 32.90
C GLN A 80 -25.47 15.31 33.92
N GLU A 81 -25.82 15.40 35.20
CA GLU A 81 -24.89 15.02 36.24
C GLU A 81 -24.14 13.73 35.97
N SER A 82 -24.77 12.82 35.25
CA SER A 82 -24.13 11.54 34.94
C SER A 82 -23.15 11.65 33.78
N ASP A 83 -23.03 12.84 33.21
CA ASP A 83 -22.10 13.06 32.11
C ASP A 83 -20.67 13.25 32.64
N SER A 84 -20.54 13.51 33.93
CA SER A 84 -19.23 13.69 34.52
C SER A 84 -18.31 12.50 34.21
N ALA A 85 -17.30 12.77 33.40
CA ALA A 85 -16.34 11.76 33.01
C ALA A 85 -15.16 12.44 32.38
N VAL A 86 -14.17 11.66 31.98
CA VAL A 86 -12.99 12.23 31.35
C VAL A 86 -13.16 12.00 29.86
N TYR A 87 -13.09 13.05 29.07
CA TYR A 87 -13.25 12.91 27.65
C TYR A 87 -11.92 12.94 26.90
N TYR A 88 -11.69 11.89 26.14
CA TYR A 88 -10.46 11.76 25.38
C TYR A 88 -10.71 12.01 23.92
N CYS A 89 -9.84 12.82 23.33
CA CYS A 89 -9.94 13.12 21.92
C CYS A 89 -8.84 12.30 21.27
N ALA A 90 -9.05 11.83 20.04
CA ALA A 90 -8.02 11.03 19.43
C ALA A 90 -8.07 10.96 17.91
N LEU A 91 -7.02 10.40 17.33
CA LEU A 91 -6.94 10.24 15.89
C LEU A 91 -6.23 8.95 15.49
N SER A 92 -6.26 8.67 14.18
CA SER A 92 -5.61 7.50 13.59
C SER A 92 -5.29 7.92 12.18
N GLU A 93 -4.06 7.69 11.75
CA GLU A 93 -3.69 8.08 10.40
C GLU A 93 -4.31 7.22 9.31
N ASN A 94 -4.12 7.64 8.06
CA ASN A 94 -4.64 6.89 6.93
C ASN A 94 -3.57 5.92 6.44
N TYR A 95 -2.57 5.62 7.27
CA TYR A 95 -1.52 4.71 6.84
C TYR A 95 -1.81 3.23 7.07
N GLY A 96 -2.92 2.90 7.72
CA GLY A 96 -3.22 1.51 7.97
C GLY A 96 -2.62 0.98 9.29
N ASN A 97 -1.70 1.75 9.86
CA ASN A 97 -1.04 1.44 11.13
C ASN A 97 -1.94 0.74 12.12
N GLU A 98 -3.12 1.32 12.26
CA GLU A 98 -4.14 0.90 13.20
C GLU A 98 -3.72 1.43 14.56
N LYS A 99 -2.79 2.38 14.54
CA LYS A 99 -2.30 3.03 15.75
C LYS A 99 -3.19 4.21 16.13
N ILE A 100 -3.84 4.11 17.27
CA ILE A 100 -4.71 5.20 17.73
C ILE A 100 -3.96 6.12 18.69
N THR A 101 -3.76 7.36 18.30
CA THR A 101 -3.09 8.33 19.16
C THR A 101 -4.14 9.07 19.98
N PHE A 102 -3.82 9.39 21.23
CA PHE A 102 -4.76 10.09 22.10
C PHE A 102 -4.28 11.45 22.58
N GLY A 103 -5.20 12.19 23.19
CA GLY A 103 -4.86 13.49 23.74
C GLY A 103 -4.71 13.37 25.25
N ALA A 104 -4.54 14.49 25.93
CA ALA A 104 -4.38 14.46 27.38
C ALA A 104 -5.67 14.08 28.10
N GLY A 105 -6.80 14.31 27.47
CA GLY A 105 -8.05 14.00 28.13
C GLY A 105 -8.51 15.26 28.83
N THR A 106 -9.80 15.35 29.15
CA THR A 106 -10.36 16.51 29.83
C THR A 106 -11.38 16.03 30.87
N LYS A 107 -11.20 16.45 32.12
CA LYS A 107 -12.09 16.06 33.20
C LYS A 107 -13.32 16.97 33.21
N LEU A 108 -14.50 16.38 33.08
CA LEU A 108 -15.73 17.15 33.11
C LEU A 108 -16.51 16.87 34.38
N GLN A 109 -16.87 17.92 35.12
CA GLN A 109 -17.64 17.75 36.33
C GLN A 109 -18.92 18.54 36.22
N VAL A 110 -20.04 17.84 36.18
CA VAL A 110 -21.35 18.48 36.08
C VAL A 110 -21.90 18.53 37.49
N VAL A 111 -22.08 19.73 38.01
CA VAL A 111 -22.57 19.89 39.37
C VAL A 111 -24.07 19.60 39.51
N PRO A 112 -24.44 18.89 40.59
CA PRO A 112 -25.83 18.53 40.87
C PRO A 112 -26.56 19.72 41.49
N ALA B 1 -16.01 -9.58 25.98
CA ALA B 1 -15.37 -8.35 26.52
C ALA B 1 -13.86 -8.53 26.63
N VAL B 2 -13.22 -7.61 27.37
CA VAL B 2 -11.77 -7.64 27.60
C VAL B 2 -11.55 -7.60 29.11
N THR B 3 -10.60 -8.40 29.57
CA THR B 3 -10.31 -8.50 31.00
C THR B 3 -8.81 -8.46 31.31
N GLN B 4 -8.46 -7.80 32.40
CA GLN B 4 -7.05 -7.66 32.79
C GLN B 4 -6.72 -8.32 34.13
N SER B 5 -5.43 -8.51 34.39
CA SER B 5 -4.99 -9.14 35.64
C SER B 5 -3.52 -8.90 35.95
N PRO B 6 -3.24 -8.46 37.19
CA PRO B 6 -4.20 -8.21 38.25
C PRO B 6 -4.86 -6.84 38.07
N ARG B 7 -5.80 -6.51 38.97
CA ARG B 7 -6.49 -5.22 38.91
C ARG B 7 -5.92 -4.23 39.91
N ASN B 8 -4.82 -4.61 40.55
CA ASN B 8 -4.15 -3.78 41.54
C ASN B 8 -2.82 -4.42 41.87
N LYS B 9 -1.74 -3.80 41.42
CA LYS B 9 -0.44 -4.37 41.70
C LYS B 9 0.52 -3.41 42.38
N VAL B 10 0.84 -3.75 43.63
CA VAL B 10 1.79 -2.97 44.38
C VAL B 10 3.06 -3.75 44.16
N ALA B 11 4.11 -3.05 43.76
CA ALA B 11 5.36 -3.72 43.48
C ALA B 11 6.52 -2.88 43.99
N VAL B 12 7.71 -3.48 43.95
CA VAL B 12 8.94 -2.83 44.41
C VAL B 12 9.93 -2.58 43.29
N THR B 13 10.65 -1.47 43.41
CA THR B 13 11.64 -1.12 42.41
C THR B 13 12.50 -2.33 42.11
N GLY B 14 12.84 -2.52 40.84
CA GLY B 14 13.66 -3.65 40.45
C GLY B 14 12.82 -4.85 40.08
N GLU B 15 11.87 -5.22 40.93
CA GLU B 15 11.02 -6.38 40.67
C GLU B 15 10.53 -6.50 39.22
N LYS B 16 10.33 -7.73 38.79
CA LYS B 16 9.86 -8.00 37.44
C LYS B 16 8.35 -8.21 37.50
N VAL B 17 7.63 -7.31 36.84
CA VAL B 17 6.16 -7.36 36.83
C VAL B 17 5.59 -7.69 35.46
N THR B 18 4.45 -8.40 35.47
CA THR B 18 3.77 -8.82 34.26
C THR B 18 2.24 -8.67 34.35
N LEU B 19 1.65 -8.01 33.36
CA LEU B 19 0.19 -7.84 33.32
C LEU B 19 -0.37 -8.74 32.21
N SER B 20 -1.55 -9.29 32.45
CA SER B 20 -2.17 -10.20 31.49
C SER B 20 -3.53 -9.67 31.03
N CYS B 21 -3.80 -9.85 29.74
CA CYS B 21 -5.06 -9.37 29.15
C CYS B 21 -5.73 -10.43 28.28
N ASN B 22 -7.03 -10.62 28.49
CA ASN B 22 -7.80 -11.59 27.71
C ASN B 22 -9.01 -10.97 27.03
N GLN B 23 -9.38 -11.52 25.89
CA GLN B 23 -10.51 -10.98 25.15
C GLN B 23 -11.35 -12.00 24.39
N THR B 24 -12.66 -11.81 24.43
CA THR B 24 -13.59 -12.69 23.75
C THR B 24 -14.22 -11.90 22.61
N ASN B 25 -13.56 -10.82 22.20
CA ASN B 25 -14.04 -10.00 21.10
C ASN B 25 -13.61 -10.66 19.79
N ASN B 26 -12.55 -11.46 19.87
CA ASN B 26 -12.03 -12.17 18.72
C ASN B 26 -11.32 -11.27 17.71
N HIS B 27 -10.97 -10.06 18.13
CA HIS B 27 -10.26 -9.09 17.29
C HIS B 27 -8.82 -9.55 17.10
N ASN B 28 -8.21 -9.21 15.97
CA ASN B 28 -6.83 -9.62 15.73
C ASN B 28 -5.86 -8.59 16.30
N ASN B 29 -6.36 -7.41 16.59
CA ASN B 29 -5.53 -6.34 17.14
C ASN B 29 -5.70 -6.19 18.64
N MET B 30 -4.58 -6.05 19.33
CA MET B 30 -4.58 -5.85 20.79
C MET B 30 -3.50 -4.86 21.16
N TYR B 31 -3.84 -3.91 22.03
CA TYR B 31 -2.89 -2.88 22.44
C TYR B 31 -2.71 -2.72 23.95
N TRP B 32 -1.57 -2.15 24.33
CA TRP B 32 -1.23 -1.86 25.73
C TRP B 32 -0.99 -0.35 25.91
N TYR B 33 -1.90 0.33 26.60
CA TYR B 33 -1.75 1.75 26.86
C TYR B 33 -1.54 1.98 28.34
N ARG B 34 -1.08 3.19 28.67
CA ARG B 34 -0.89 3.61 30.06
C ARG B 34 -1.46 5.03 30.19
N GLN B 35 -2.17 5.25 31.28
CA GLN B 35 -2.79 6.54 31.54
C GLN B 35 -2.08 7.33 32.61
N ASP B 36 -1.59 8.50 32.24
CA ASP B 36 -0.90 9.38 33.18
C ASP B 36 -1.48 10.79 33.07
N THR B 37 -1.55 11.48 34.19
CA THR B 37 -2.10 12.82 34.18
C THR B 37 -1.23 13.75 33.34
N GLY B 38 -1.87 14.58 32.53
CA GLY B 38 -1.14 15.49 31.67
C GLY B 38 -0.64 14.79 30.42
N HIS B 39 -0.76 13.47 30.39
CA HIS B 39 -0.32 12.67 29.26
C HIS B 39 -1.46 11.89 28.64
N GLY B 40 -2.50 11.63 29.43
CA GLY B 40 -3.61 10.86 28.92
C GLY B 40 -3.14 9.43 28.63
N LEU B 41 -3.64 8.85 27.56
CA LEU B 41 -3.27 7.51 27.20
C LEU B 41 -2.06 7.58 26.27
N ARG B 42 -1.12 6.66 26.43
CA ARG B 42 0.06 6.62 25.59
C ARG B 42 0.29 5.17 25.22
N LEU B 43 0.53 4.90 23.94
CA LEU B 43 0.75 3.54 23.49
C LEU B 43 2.17 3.01 23.73
N ILE B 44 2.25 1.87 24.41
CA ILE B 44 3.53 1.24 24.72
C ILE B 44 3.79 0.11 23.72
N TYR B 45 2.83 -0.80 23.60
CA TYR B 45 2.94 -1.94 22.68
C TYR B 45 1.56 -2.35 22.16
N TYR B 46 1.56 -3.09 21.06
CA TYR B 46 0.32 -3.63 20.46
C TYR B 46 0.72 -4.75 19.50
N SER B 47 -0.27 -5.52 19.06
CA SER B 47 0.02 -6.63 18.15
C SER B 47 -1.04 -6.83 17.05
N TYR B 48 -0.55 -7.19 15.88
CA TYR B 48 -1.38 -7.42 14.71
C TYR B 48 -1.98 -8.82 14.70
N GLY B 49 -1.52 -9.67 15.61
CA GLY B 49 -2.01 -11.03 15.67
C GLY B 49 -1.05 -11.93 16.43
N ALA B 50 -1.44 -13.18 16.65
CA ALA B 50 -0.60 -14.13 17.37
C ALA B 50 0.83 -14.16 16.82
N GLY B 51 1.81 -13.91 17.67
CA GLY B 51 3.20 -13.90 17.27
C GLY B 51 3.66 -12.50 16.89
N SER B 52 2.77 -11.53 17.08
CA SER B 52 3.01 -10.12 16.74
C SER B 52 3.40 -9.23 17.92
N THR B 53 4.51 -8.51 17.77
CA THR B 53 4.98 -7.61 18.81
C THR B 53 5.51 -6.32 18.19
N GLU B 54 4.63 -5.31 18.13
CA GLU B 54 4.94 -4.00 17.55
C GLU B 54 5.21 -2.93 18.61
N LYS B 55 6.36 -2.29 18.51
CA LYS B 55 6.72 -1.23 19.46
C LYS B 55 5.84 0.00 19.27
N GLY B 56 5.16 0.41 20.32
CA GLY B 56 4.32 1.58 20.26
C GLY B 56 5.16 2.84 20.41
N ASP B 57 4.56 3.91 20.94
CA ASP B 57 5.27 5.19 21.13
C ASP B 57 6.28 5.24 22.29
N ILE B 58 5.95 4.60 23.41
CA ILE B 58 6.83 4.59 24.58
C ILE B 58 7.15 3.14 24.97
N PRO B 59 8.00 2.48 24.18
CA PRO B 59 8.35 1.09 24.46
C PRO B 59 9.39 0.84 25.57
N ASP B 60 10.46 1.64 25.60
CA ASP B 60 11.52 1.50 26.59
C ASP B 60 11.09 1.01 27.95
N GLY B 61 11.76 -0.01 28.45
CA GLY B 61 11.43 -0.57 29.73
C GLY B 61 10.32 -1.58 29.65
N TYR B 62 9.87 -1.91 28.44
CA TYR B 62 8.80 -2.87 28.31
C TYR B 62 9.05 -4.02 27.35
N LYS B 63 8.17 -5.00 27.39
CA LYS B 63 8.26 -6.18 26.53
C LYS B 63 6.88 -6.82 26.45
N ALA B 64 6.55 -7.45 25.33
CA ALA B 64 5.24 -8.08 25.23
C ALA B 64 5.22 -9.40 24.47
N SER B 65 4.08 -10.10 24.55
CA SER B 65 3.88 -11.37 23.89
C SER B 65 2.41 -11.62 23.57
N ARG B 66 2.16 -12.12 22.38
CA ARG B 66 0.81 -12.43 21.93
C ARG B 66 0.78 -13.94 21.67
N PRO B 67 1.07 -14.74 22.70
CA PRO B 67 1.06 -16.19 22.53
C PRO B 67 -0.13 -16.77 21.74
N SER B 68 -1.30 -16.17 21.85
CA SER B 68 -2.46 -16.68 21.11
C SER B 68 -3.27 -15.50 20.57
N GLN B 69 -4.58 -15.70 20.39
CA GLN B 69 -5.42 -14.62 19.87
C GLN B 69 -6.03 -13.78 20.96
N GLU B 70 -6.62 -14.45 21.94
CA GLU B 70 -7.30 -13.76 23.04
C GLU B 70 -6.38 -13.19 24.13
N ASN B 71 -5.09 -13.54 24.09
CA ASN B 71 -4.14 -13.08 25.11
C ASN B 71 -2.88 -12.32 24.67
N PHE B 72 -2.71 -11.14 25.28
CA PHE B 72 -1.61 -10.23 25.01
C PHE B 72 -1.12 -9.74 26.36
N SER B 73 0.13 -10.02 26.70
CA SER B 73 0.67 -9.59 27.99
C SER B 73 1.82 -8.60 27.88
N LEU B 74 1.95 -7.78 28.92
CA LEU B 74 3.00 -6.75 29.02
C LEU B 74 3.89 -7.06 30.21
N THR B 75 5.21 -6.91 30.02
CA THR B 75 6.16 -7.23 31.07
C THR B 75 7.23 -6.17 31.34
N LEU B 76 7.27 -5.71 32.60
CA LEU B 76 8.25 -4.72 33.04
C LEU B 76 9.38 -5.52 33.66
N GLU B 77 10.47 -5.67 32.92
CA GLU B 77 11.60 -6.45 33.40
C GLU B 77 12.05 -6.01 34.79
N SER B 78 12.55 -4.78 34.85
CA SER B 78 13.03 -4.18 36.10
C SER B 78 12.16 -2.97 36.44
N ALA B 79 11.01 -3.24 37.02
CA ALA B 79 10.05 -2.20 37.41
C ALA B 79 10.76 -1.01 38.01
N THR B 80 10.17 0.17 37.83
CA THR B 80 10.74 1.40 38.35
C THR B 80 9.60 2.34 38.75
N PRO B 81 9.87 3.34 39.59
CA PRO B 81 8.84 4.30 40.03
C PRO B 81 8.16 5.05 38.89
N SER B 82 8.94 5.43 37.88
CA SER B 82 8.41 6.15 36.73
C SER B 82 7.41 5.32 35.93
N GLN B 83 7.34 4.03 36.24
CA GLN B 83 6.43 3.13 35.55
C GLN B 83 5.18 2.90 36.36
N THR B 84 4.99 3.74 37.39
CA THR B 84 3.82 3.67 38.25
C THR B 84 2.72 4.34 37.44
N SER B 85 1.60 3.66 37.25
CA SER B 85 0.52 4.23 36.45
C SER B 85 -0.63 3.26 36.27
N VAL B 86 -1.69 3.71 35.61
CA VAL B 86 -2.82 2.84 35.34
C VAL B 86 -2.59 2.30 33.94
N TYR B 87 -2.69 0.98 33.78
CA TYR B 87 -2.48 0.40 32.47
C TYR B 87 -3.81 -0.11 31.94
N PHE B 88 -4.07 0.15 30.67
CA PHE B 88 -5.31 -0.27 30.03
C PHE B 88 -4.97 -1.09 28.83
N CYS B 89 -5.76 -2.14 28.63
CA CYS B 89 -5.52 -3.01 27.51
C CYS B 89 -6.69 -2.83 26.56
N ALA B 90 -6.46 -3.13 25.28
CA ALA B 90 -7.49 -2.99 24.28
C ALA B 90 -7.36 -3.93 23.10
N SER B 91 -8.48 -4.21 22.44
CA SER B 91 -8.51 -5.05 21.24
C SER B 91 -9.27 -4.31 20.14
N GLY B 92 -8.88 -4.60 18.90
CA GLY B 92 -9.53 -3.99 17.75
C GLY B 92 -9.59 -4.97 16.58
N ASP B 93 -10.65 -4.87 15.77
CA ASP B 93 -10.83 -5.77 14.63
C ASP B 93 -9.94 -5.50 13.41
N ALA B 94 -9.13 -4.44 13.48
CA ALA B 94 -8.22 -4.10 12.38
C ALA B 94 -8.91 -3.59 11.14
N SER B 95 -9.99 -2.84 11.32
CA SER B 95 -10.73 -2.27 10.19
C SER B 95 -10.50 -0.76 10.18
N GLY B 96 -9.43 -0.33 9.50
CA GLY B 96 -9.07 1.08 9.40
C GLY B 96 -9.64 1.97 10.50
N GLY B 97 -8.76 2.43 11.38
CA GLY B 97 -9.18 3.29 12.50
C GLY B 97 -10.13 2.44 13.31
N ASN B 98 -9.72 1.18 13.54
CA ASN B 98 -10.59 0.25 14.24
C ASN B 98 -10.94 0.88 15.62
N THR B 99 -12.23 0.88 15.95
CA THR B 99 -12.64 1.41 17.23
C THR B 99 -11.99 0.47 18.25
N LEU B 100 -11.58 1.00 19.40
CA LEU B 100 -10.91 0.22 20.43
C LEU B 100 -11.75 -0.12 21.64
N TYR B 101 -11.65 -1.36 22.09
CA TYR B 101 -12.37 -1.84 23.28
C TYR B 101 -11.34 -1.97 24.41
N PHE B 102 -11.62 -1.25 25.50
CA PHE B 102 -10.75 -1.21 26.67
C PHE B 102 -11.13 -2.05 27.90
N GLY B 103 -10.10 -2.53 28.60
CA GLY B 103 -10.35 -3.28 29.81
C GLY B 103 -10.48 -2.24 30.91
N ALA B 104 -10.80 -2.67 32.13
CA ALA B 104 -10.98 -1.69 33.28
C ALA B 104 -9.65 -1.18 33.93
N GLY B 105 -8.52 -1.62 33.37
CA GLY B 105 -7.23 -1.17 33.85
C GLY B 105 -6.59 -1.92 34.98
N THR B 106 -5.32 -1.60 35.20
CA THR B 106 -4.54 -2.22 36.24
C THR B 106 -3.77 -1.12 36.93
N ARG B 107 -4.20 -0.76 38.13
CA ARG B 107 -3.52 0.29 38.87
C ARG B 107 -2.24 -0.24 39.47
N LEU B 108 -1.10 0.23 38.95
CA LEU B 108 0.18 -0.22 39.44
C LEU B 108 1.08 0.89 39.98
N SER B 109 1.64 0.65 41.17
CA SER B 109 2.57 1.62 41.76
C SER B 109 3.87 0.93 42.21
N VAL B 110 4.97 1.63 41.97
CA VAL B 110 6.28 1.12 42.28
C VAL B 110 6.90 1.94 43.39
N LEU B 111 6.92 1.34 44.57
CA LEU B 111 7.47 1.97 45.77
C LEU B 111 8.95 1.58 45.94
N ILE C 1 -11.92 -0.09 -17.25
CA ILE C 1 -12.09 1.29 -16.81
C ILE C 1 -10.94 2.15 -17.35
N GLU C 2 -11.26 3.40 -17.68
CA GLU C 2 -10.26 4.30 -18.22
C GLU C 2 -10.08 5.57 -17.39
N ALA C 3 -8.88 6.14 -17.49
CA ALA C 3 -8.54 7.35 -16.80
C ALA C 3 -7.12 7.71 -17.21
N ASP C 4 -6.67 8.90 -16.81
CA ASP C 4 -5.35 9.38 -17.14
C ASP C 4 -4.29 8.66 -16.31
N HIS C 5 -4.65 8.33 -15.08
CA HIS C 5 -3.73 7.67 -14.17
C HIS C 5 -4.44 6.69 -13.24
N VAL C 6 -3.69 5.67 -12.81
CA VAL C 6 -4.22 4.68 -11.87
C VAL C 6 -3.22 4.42 -10.76
N GLY C 7 -3.73 4.30 -9.55
CA GLY C 7 -2.86 4.02 -8.42
C GLY C 7 -3.44 2.95 -7.54
N SER C 8 -2.73 1.85 -7.41
CA SER C 8 -3.14 0.76 -6.54
C SER C 8 -2.34 1.02 -5.28
N TYR C 9 -2.96 1.60 -4.26
CA TYR C 9 -2.24 1.92 -3.03
C TYR C 9 -2.40 0.88 -1.93
N GLY C 10 -1.68 -0.22 -2.08
CA GLY C 10 -1.73 -1.28 -1.09
C GLY C 10 -2.22 -2.64 -1.59
N ILE C 11 -1.56 -3.19 -2.60
CA ILE C 11 -1.97 -4.50 -3.13
C ILE C 11 -1.42 -5.59 -2.23
N VAL C 12 -2.33 -6.37 -1.66
CA VAL C 12 -1.97 -7.45 -0.75
C VAL C 12 -2.11 -8.80 -1.44
N VAL C 13 -1.17 -9.70 -1.15
CA VAL C 13 -1.19 -11.05 -1.69
C VAL C 13 -0.79 -12.07 -0.62
N TYR C 14 -1.77 -12.75 -0.03
CA TYR C 14 -1.42 -13.75 0.97
C TYR C 14 -1.63 -15.17 0.45
N GLN C 15 -0.53 -15.93 0.47
CA GLN C 15 -0.54 -17.31 -0.01
C GLN C 15 -0.26 -18.39 1.04
N SER C 16 -1.24 -19.26 1.26
CA SER C 16 -1.07 -20.36 2.19
C SER C 16 -1.11 -21.66 1.37
N PRO C 17 -0.35 -22.67 1.80
CA PRO C 17 0.52 -22.66 2.96
C PRO C 17 1.84 -22.00 2.62
N GLY C 18 2.60 -21.67 3.66
CA GLY C 18 3.90 -21.03 3.50
C GLY C 18 3.85 -19.63 4.06
N ASP C 19 2.64 -19.15 4.29
CA ASP C 19 2.44 -17.80 4.80
C ASP C 19 3.32 -16.85 3.99
N ILE C 20 3.19 -16.96 2.67
CA ILE C 20 3.93 -16.15 1.72
C ILE C 20 3.12 -14.90 1.44
N GLY C 21 3.76 -13.74 1.62
CA GLY C 21 3.05 -12.50 1.38
C GLY C 21 3.80 -11.39 0.68
N GLN C 22 3.03 -10.58 -0.06
CA GLN C 22 3.57 -9.43 -0.78
C GLN C 22 2.63 -8.25 -0.57
N TYR C 23 3.23 -7.06 -0.45
CA TYR C 23 2.50 -5.81 -0.26
C TYR C 23 3.18 -4.75 -1.11
N THR C 24 2.45 -4.20 -2.08
CA THR C 24 3.04 -3.20 -2.96
C THR C 24 2.16 -2.00 -3.19
N PHE C 25 2.79 -1.00 -3.79
CA PHE C 25 2.15 0.25 -4.20
C PHE C 25 2.49 0.32 -5.68
N GLU C 26 1.48 0.54 -6.50
CA GLU C 26 1.67 0.63 -7.94
C GLU C 26 1.06 1.91 -8.47
N PHE C 27 1.73 2.55 -9.42
CA PHE C 27 1.20 3.77 -10.00
C PHE C 27 1.39 3.77 -11.51
N ASP C 28 0.29 3.71 -12.25
CA ASP C 28 0.37 3.68 -13.71
C ASP C 28 1.18 2.47 -14.17
N GLY C 29 0.94 1.33 -13.53
CA GLY C 29 1.64 0.10 -13.90
C GLY C 29 3.06 -0.12 -13.43
N ASP C 30 3.76 0.93 -13.08
CA ASP C 30 5.11 0.75 -12.59
C ASP C 30 5.07 0.49 -11.08
N GLU C 31 6.17 0.00 -10.52
CA GLU C 31 6.24 -0.29 -9.07
C GLU C 31 6.95 0.80 -8.28
N LEU C 32 6.22 1.36 -7.34
CA LEU C 32 6.76 2.39 -6.47
C LEU C 32 7.68 1.76 -5.42
N PHE C 33 7.13 0.80 -4.69
CA PHE C 33 7.86 0.11 -3.64
C PHE C 33 7.07 -1.12 -3.15
N TYR C 34 7.73 -1.91 -2.31
CA TYR C 34 7.11 -3.07 -1.68
C TYR C 34 7.64 -3.05 -0.25
N VAL C 35 6.85 -3.58 0.68
CA VAL C 35 7.25 -3.63 2.06
C VAL C 35 7.95 -4.98 2.31
N ASP C 36 9.25 -4.92 2.58
CA ASP C 36 10.05 -6.11 2.87
C ASP C 36 9.57 -6.59 4.23
N LEU C 37 8.64 -7.53 4.23
CA LEU C 37 8.05 -8.06 5.46
C LEU C 37 9.00 -8.58 6.55
N ASP C 38 10.22 -8.98 6.16
CA ASP C 38 11.20 -9.48 7.12
C ASP C 38 11.94 -8.32 7.79
N LYS C 39 12.39 -7.37 6.99
CA LYS C 39 13.10 -6.21 7.53
C LYS C 39 12.13 -5.15 8.04
N LYS C 40 10.83 -5.35 7.81
CA LYS C 40 9.84 -4.36 8.20
C LYS C 40 10.26 -3.01 7.60
N GLU C 41 10.65 -3.06 6.32
CA GLU C 41 11.12 -1.88 5.59
C GLU C 41 10.47 -1.66 4.22
N THR C 42 10.29 -0.38 3.86
CA THR C 42 9.71 0.02 2.59
C THR C 42 10.80 0.12 1.51
N ILE C 43 10.74 -0.78 0.53
CA ILE C 43 11.72 -0.82 -0.54
C ILE C 43 11.28 -0.11 -1.83
N TRP C 44 11.81 1.09 -2.06
CA TRP C 44 11.44 1.85 -3.26
C TRP C 44 12.24 1.45 -4.49
N MET C 45 11.55 1.24 -5.60
CA MET C 45 12.23 0.87 -6.85
C MET C 45 13.06 2.10 -7.23
N LEU C 46 12.47 3.28 -7.13
CA LEU C 46 13.20 4.50 -7.46
C LEU C 46 13.71 5.18 -6.19
N PRO C 47 15.04 5.30 -6.06
CA PRO C 47 15.65 5.94 -4.88
C PRO C 47 15.17 7.36 -4.66
N GLU C 48 15.47 8.23 -5.62
CA GLU C 48 15.09 9.63 -5.51
C GLU C 48 13.63 9.83 -5.12
N PHE C 49 12.84 8.77 -5.11
CA PHE C 49 11.45 8.89 -4.73
C PHE C 49 11.23 8.87 -3.22
N ALA C 50 11.99 8.04 -2.52
CA ALA C 50 11.86 7.92 -1.07
C ALA C 50 12.41 9.17 -0.37
N GLN C 51 13.05 10.03 -1.14
CA GLN C 51 13.60 11.26 -0.59
C GLN C 51 12.59 12.39 -0.66
N LEU C 52 11.41 12.10 -1.19
CA LEU C 52 10.34 13.08 -1.33
C LEU C 52 9.01 12.59 -0.80
N ARG C 53 8.92 11.29 -0.55
CA ARG C 53 7.69 10.70 -0.04
C ARG C 53 8.08 9.44 0.71
N SER C 54 7.20 8.98 1.59
CA SER C 54 7.49 7.80 2.37
C SER C 54 6.22 7.03 2.69
N PHE C 55 6.40 5.84 3.25
CA PHE C 55 5.28 4.99 3.65
C PHE C 55 5.72 4.14 4.85
N ASP C 56 4.86 4.01 5.85
CA ASP C 56 5.18 3.24 7.06
C ASP C 56 4.92 1.77 6.85
N PRO C 57 5.97 0.94 6.93
CA PRO C 57 5.85 -0.51 6.75
C PRO C 57 4.75 -1.12 7.60
N GLN C 58 4.56 -0.61 8.81
CA GLN C 58 3.53 -1.17 9.66
C GLN C 58 2.23 -1.31 8.90
N GLY C 59 1.93 -0.35 8.02
CA GLY C 59 0.71 -0.45 7.26
C GLY C 59 0.75 -1.73 6.44
N GLY C 60 1.91 -2.02 5.86
CA GLY C 60 2.05 -3.23 5.09
C GLY C 60 1.73 -4.38 6.02
N LEU C 61 2.50 -4.47 7.11
CA LEU C 61 2.34 -5.52 8.08
C LEU C 61 0.89 -5.70 8.51
N GLN C 62 0.23 -4.61 8.86
CA GLN C 62 -1.16 -4.69 9.29
C GLN C 62 -2.08 -5.33 8.25
N ASN C 63 -1.93 -4.93 6.98
CA ASN C 63 -2.76 -5.49 5.92
C ASN C 63 -2.37 -6.93 5.56
N ILE C 64 -1.07 -7.24 5.61
CA ILE C 64 -0.65 -8.61 5.32
C ILE C 64 -1.33 -9.44 6.39
N ALA C 65 -1.28 -8.93 7.61
CA ALA C 65 -1.88 -9.59 8.74
C ALA C 65 -3.34 -9.90 8.47
N THR C 66 -3.99 -9.04 7.71
CA THR C 66 -5.41 -9.25 7.40
C THR C 66 -5.51 -10.25 6.26
N GLY C 67 -4.49 -10.28 5.42
CA GLY C 67 -4.51 -11.24 4.33
C GLY C 67 -4.53 -12.64 4.94
N LYS C 68 -3.67 -12.85 5.93
CA LYS C 68 -3.59 -14.12 6.64
C LYS C 68 -4.97 -14.45 7.19
N HIS C 69 -5.56 -13.49 7.90
CA HIS C 69 -6.88 -13.67 8.48
C HIS C 69 -7.89 -14.14 7.43
N ASN C 70 -8.21 -13.25 6.48
CA ASN C 70 -9.17 -13.53 5.41
C ASN C 70 -8.87 -14.83 4.63
N LEU C 71 -7.62 -15.04 4.25
CA LEU C 71 -7.25 -16.27 3.56
C LEU C 71 -7.38 -17.35 4.61
N GLY C 72 -8.60 -17.79 4.85
CA GLY C 72 -8.85 -18.79 5.85
C GLY C 72 -10.35 -18.78 5.96
N VAL C 73 -10.89 -17.58 6.18
CA VAL C 73 -12.34 -17.40 6.25
C VAL C 73 -12.85 -17.79 4.88
N LEU C 74 -11.99 -17.59 3.89
CA LEU C 74 -12.30 -17.91 2.51
C LEU C 74 -11.92 -19.35 2.20
N THR C 75 -10.63 -19.69 2.34
CA THR C 75 -10.16 -21.05 2.05
C THR C 75 -11.16 -22.07 2.57
N LYS C 76 -11.91 -21.68 3.58
CA LYS C 76 -12.93 -22.53 4.17
C LYS C 76 -14.23 -22.27 3.44
N ARG C 77 -14.69 -21.03 3.43
CA ARG C 77 -15.95 -20.70 2.77
C ARG C 77 -16.04 -21.26 1.35
N SER C 78 -14.90 -21.35 0.66
CA SER C 78 -14.86 -21.88 -0.68
C SER C 78 -14.77 -23.39 -0.61
N ASN C 79 -15.17 -23.95 0.52
CA ASN C 79 -15.12 -25.39 0.72
C ASN C 79 -13.70 -25.92 0.42
N SER C 80 -12.74 -25.01 0.38
CA SER C 80 -11.33 -25.32 0.13
C SER C 80 -10.89 -25.38 -1.33
N THR C 81 -11.71 -24.88 -2.24
CA THR C 81 -11.36 -24.86 -3.66
C THR C 81 -9.88 -24.52 -3.82
N PRO C 82 -9.02 -25.52 -4.03
CA PRO C 82 -7.61 -25.12 -4.18
C PRO C 82 -7.44 -24.26 -5.43
N ALA C 83 -6.34 -23.53 -5.53
CA ALA C 83 -6.09 -22.67 -6.68
C ALA C 83 -5.63 -23.49 -7.88
N THR C 84 -5.79 -22.95 -9.09
CA THR C 84 -5.38 -23.66 -10.31
C THR C 84 -4.08 -23.19 -10.95
N ASN C 85 -3.08 -24.06 -11.02
CA ASN C 85 -1.81 -23.71 -11.66
C ASN C 85 -2.03 -23.21 -13.09
N GLU C 86 -1.12 -22.34 -13.56
CA GLU C 86 -1.17 -21.81 -14.92
C GLU C 86 0.23 -21.96 -15.46
N ALA C 87 0.40 -21.65 -16.74
CA ALA C 87 1.71 -21.75 -17.38
C ALA C 87 2.20 -20.36 -17.70
N PRO C 88 3.33 -19.97 -17.12
CA PRO C 88 3.92 -18.65 -17.37
C PRO C 88 4.49 -18.50 -18.77
N GLN C 89 4.56 -17.26 -19.25
CA GLN C 89 5.07 -16.94 -20.58
C GLN C 89 6.19 -15.93 -20.59
N ALA C 90 7.39 -16.38 -20.93
CA ALA C 90 8.57 -15.52 -20.97
C ALA C 90 8.84 -14.87 -22.33
N THR C 91 9.44 -13.70 -22.30
CA THR C 91 9.76 -12.92 -23.49
C THR C 91 11.03 -12.14 -23.17
N VAL C 92 12.06 -12.31 -23.97
CA VAL C 92 13.32 -11.64 -23.72
C VAL C 92 13.63 -10.53 -24.73
N PHE C 93 13.89 -9.34 -24.24
CA PHE C 93 14.22 -8.22 -25.12
C PHE C 93 15.24 -7.31 -24.46
N PRO C 94 16.02 -6.59 -25.27
CA PRO C 94 17.03 -5.68 -24.71
C PRO C 94 16.39 -4.42 -24.14
N LYS C 95 17.19 -3.61 -23.46
CA LYS C 95 16.72 -2.36 -22.87
C LYS C 95 16.95 -1.25 -23.88
N SER C 96 18.11 -1.35 -24.52
CA SER C 96 18.52 -0.39 -25.54
C SER C 96 19.16 -1.18 -26.67
N PRO C 97 19.51 -0.52 -27.77
CA PRO C 97 20.13 -1.18 -28.92
C PRO C 97 21.47 -1.84 -28.57
N VAL C 98 21.58 -3.15 -28.84
CA VAL C 98 22.80 -3.89 -28.53
C VAL C 98 24.03 -3.52 -29.36
N LEU C 99 24.91 -2.69 -28.79
CA LEU C 99 26.14 -2.32 -29.48
C LEU C 99 27.23 -3.23 -28.91
N LEU C 100 28.08 -3.77 -29.77
CA LEU C 100 29.14 -4.67 -29.30
C LEU C 100 30.11 -4.01 -28.32
N GLY C 101 30.30 -4.67 -27.16
CA GLY C 101 31.18 -4.14 -26.15
C GLY C 101 30.48 -3.09 -25.30
N GLN C 102 29.52 -2.41 -25.91
CA GLN C 102 28.72 -1.34 -25.28
C GLN C 102 27.74 -1.90 -24.25
N PRO C 103 27.96 -1.59 -22.94
CA PRO C 103 27.11 -2.05 -21.83
C PRO C 103 25.62 -2.05 -22.13
N ASN C 104 24.86 -2.93 -21.46
CA ASN C 104 23.43 -3.01 -21.72
C ASN C 104 22.75 -3.89 -20.68
N THR C 105 21.44 -4.00 -20.77
CA THR C 105 20.70 -4.85 -19.85
C THR C 105 19.76 -5.77 -20.59
N LEU C 106 19.71 -7.02 -20.17
CA LEU C 106 18.81 -7.99 -20.79
C LEU C 106 17.57 -8.01 -19.90
N ILE C 107 16.39 -7.90 -20.50
CA ILE C 107 15.15 -7.90 -19.73
C ILE C 107 14.31 -9.12 -20.04
N CYS C 108 13.95 -9.86 -19.00
CA CYS C 108 13.10 -11.00 -19.25
C CYS C 108 11.74 -10.70 -18.65
N PHE C 109 10.73 -10.67 -19.52
CA PHE C 109 9.36 -10.40 -19.12
C PHE C 109 8.66 -11.74 -19.01
N VAL C 110 7.91 -11.93 -17.94
CA VAL C 110 7.20 -13.19 -17.73
C VAL C 110 5.78 -12.86 -17.34
N ASP C 111 4.85 -13.18 -18.24
CA ASP C 111 3.45 -12.88 -17.97
C ASP C 111 2.66 -14.15 -17.71
N ASN C 112 1.46 -13.96 -17.17
CA ASN C 112 0.57 -15.06 -16.83
C ASN C 112 1.25 -15.96 -15.81
N ILE C 113 1.30 -15.46 -14.58
CA ILE C 113 1.89 -16.20 -13.49
C ILE C 113 0.77 -16.53 -12.51
N PHE C 114 0.73 -17.76 -12.01
CA PHE C 114 -0.30 -18.10 -11.06
C PHE C 114 -0.18 -19.50 -10.51
N PRO C 115 -0.06 -19.63 -9.18
CA PRO C 115 -0.04 -18.48 -8.27
C PRO C 115 1.32 -17.79 -8.37
N PRO C 116 1.43 -16.59 -7.77
CA PRO C 116 2.68 -15.81 -7.79
C PRO C 116 3.81 -16.43 -6.97
N VAL C 117 4.45 -17.42 -7.56
CA VAL C 117 5.58 -18.13 -6.94
C VAL C 117 6.36 -18.56 -8.18
N ILE C 118 7.64 -18.21 -8.26
CA ILE C 118 8.40 -18.57 -9.45
C ILE C 118 9.89 -18.28 -9.37
N ASN C 119 10.68 -19.13 -10.04
CA ASN C 119 12.13 -18.97 -10.05
C ASN C 119 12.59 -18.56 -11.45
N ILE C 120 13.17 -17.37 -11.55
CA ILE C 120 13.66 -16.90 -12.84
C ILE C 120 15.15 -16.74 -12.69
N THR C 121 15.90 -17.17 -13.68
CA THR C 121 17.34 -17.08 -13.61
C THR C 121 17.91 -16.87 -15.01
N TRP C 122 19.18 -16.49 -15.10
CA TRP C 122 19.78 -16.28 -16.40
C TRP C 122 20.81 -17.35 -16.71
N LEU C 123 21.18 -17.44 -17.98
CA LEU C 123 22.16 -18.41 -18.45
C LEU C 123 23.00 -17.85 -19.59
N ARG C 124 24.31 -17.73 -19.36
CA ARG C 124 25.22 -17.25 -20.40
C ARG C 124 25.94 -18.50 -20.93
N ASN C 125 25.72 -18.81 -22.20
CA ASN C 125 26.34 -20.00 -22.78
C ASN C 125 25.92 -21.25 -21.99
N SER C 126 24.61 -21.44 -21.90
CA SER C 126 24.01 -22.58 -21.18
C SER C 126 24.45 -22.70 -19.73
N LYS C 127 25.48 -21.95 -19.37
CA LYS C 127 25.97 -21.91 -18.00
C LYS C 127 25.14 -20.82 -17.31
N SER C 128 24.91 -20.96 -16.00
CA SER C 128 24.11 -19.97 -15.29
C SER C 128 24.88 -18.78 -14.73
N VAL C 129 24.13 -17.74 -14.38
CA VAL C 129 24.64 -16.50 -13.80
C VAL C 129 23.75 -16.30 -12.59
N ALA C 130 24.17 -15.45 -11.67
CA ALA C 130 23.36 -15.19 -10.49
C ALA C 130 23.67 -13.78 -10.12
N ASP C 131 24.60 -13.20 -10.85
CA ASP C 131 25.05 -11.86 -10.56
C ASP C 131 24.66 -10.76 -11.52
N GLY C 132 24.52 -9.55 -10.97
CA GLY C 132 24.13 -8.40 -11.75
C GLY C 132 22.71 -8.59 -12.23
N VAL C 133 22.01 -9.52 -11.60
CA VAL C 133 20.62 -9.88 -11.91
C VAL C 133 19.65 -9.38 -10.86
N TYR C 134 18.61 -8.66 -11.29
CA TYR C 134 17.63 -8.14 -10.35
C TYR C 134 16.23 -8.24 -10.88
N GLU C 135 15.27 -8.48 -9.99
CA GLU C 135 13.88 -8.62 -10.42
C GLU C 135 12.86 -7.76 -9.66
N THR C 136 11.75 -7.50 -10.33
CA THR C 136 10.64 -6.70 -9.81
C THR C 136 9.73 -7.59 -8.97
N SER C 137 8.75 -6.97 -8.32
CA SER C 137 7.80 -7.74 -7.52
C SER C 137 6.76 -8.29 -8.48
N PHE C 138 5.69 -8.86 -7.95
CA PHE C 138 4.66 -9.38 -8.81
C PHE C 138 3.67 -8.29 -9.13
N PHE C 139 3.59 -7.93 -10.41
CA PHE C 139 2.67 -6.90 -10.84
C PHE C 139 1.35 -7.59 -11.12
N VAL C 140 0.23 -6.93 -10.81
CA VAL C 140 -1.07 -7.56 -11.05
C VAL C 140 -1.52 -7.36 -12.51
N ASN C 141 -2.42 -8.25 -12.94
CA ASN C 141 -2.96 -8.21 -14.30
C ASN C 141 -4.48 -8.03 -14.20
N ARG C 142 -5.13 -7.66 -15.30
CA ARG C 142 -6.57 -7.46 -15.29
C ARG C 142 -7.32 -8.76 -15.07
N ASP C 143 -6.69 -9.89 -15.43
CA ASP C 143 -7.31 -11.22 -15.26
C ASP C 143 -6.90 -11.94 -13.97
N TYR C 144 -6.43 -11.15 -13.01
CA TYR C 144 -6.02 -11.62 -11.68
C TYR C 144 -4.91 -12.65 -11.60
N SER C 145 -3.99 -12.53 -12.54
CA SER C 145 -2.81 -13.38 -12.58
C SER C 145 -1.77 -12.28 -12.44
N PHE C 146 -0.49 -12.62 -12.44
CA PHE C 146 0.55 -11.62 -12.27
C PHE C 146 1.61 -11.72 -13.34
N HIS C 147 2.57 -10.81 -13.27
CA HIS C 147 3.70 -10.83 -14.18
C HIS C 147 4.86 -10.21 -13.40
N LYS C 148 6.09 -10.49 -13.84
CA LYS C 148 7.31 -9.98 -13.19
C LYS C 148 8.44 -9.90 -14.19
N LEU C 149 9.41 -9.04 -13.94
CA LEU C 149 10.53 -8.95 -14.85
C LEU C 149 11.82 -9.23 -14.10
N SER C 150 12.81 -9.79 -14.81
CA SER C 150 14.10 -10.10 -14.22
C SER C 150 15.08 -9.39 -15.14
N TYR C 151 16.18 -8.91 -14.59
CA TYR C 151 17.16 -8.18 -15.39
C TYR C 151 18.56 -8.74 -15.28
N LEU C 152 19.25 -8.74 -16.41
CA LEU C 152 20.61 -9.24 -16.44
C LEU C 152 21.48 -8.26 -17.20
N THR C 153 22.28 -7.50 -16.46
CA THR C 153 23.18 -6.55 -17.07
C THR C 153 24.18 -7.42 -17.83
N PHE C 154 24.91 -6.85 -18.78
CA PHE C 154 25.87 -7.62 -19.55
C PHE C 154 26.51 -6.75 -20.61
N ILE C 155 27.46 -7.35 -21.32
CA ILE C 155 28.14 -6.64 -22.38
C ILE C 155 27.91 -7.43 -23.65
N PRO C 156 27.33 -6.78 -24.68
CA PRO C 156 27.02 -7.38 -25.98
C PRO C 156 28.22 -8.04 -26.64
N SER C 157 28.11 -9.36 -26.84
CA SER C 157 29.18 -10.15 -27.42
C SER C 157 28.74 -10.99 -28.63
N ASP C 158 29.58 -10.96 -29.67
CA ASP C 158 29.36 -11.68 -30.92
C ASP C 158 29.54 -13.20 -30.75
N ASP C 159 29.64 -13.63 -29.50
CA ASP C 159 29.82 -15.04 -29.17
C ASP C 159 29.20 -15.34 -27.80
N ASP C 160 27.99 -14.85 -27.56
CA ASP C 160 27.32 -15.10 -26.29
C ASP C 160 25.87 -15.49 -26.39
N ILE C 161 25.57 -16.59 -25.73
CA ILE C 161 24.25 -17.16 -25.67
C ILE C 161 23.59 -16.73 -24.37
N TYR C 162 22.27 -16.60 -24.39
CA TYR C 162 21.53 -16.21 -23.19
C TYR C 162 20.18 -16.90 -23.12
N ASP C 163 19.73 -17.14 -21.88
CA ASP C 163 18.45 -17.78 -21.65
C ASP C 163 17.82 -17.29 -20.38
N CYS C 164 16.49 -17.36 -20.34
CA CYS C 164 15.74 -16.94 -19.20
C CYS C 164 15.06 -18.20 -18.66
N LYS C 165 15.71 -18.85 -17.71
CA LYS C 165 15.14 -20.07 -17.12
C LYS C 165 13.94 -19.68 -16.27
N VAL C 166 12.82 -20.33 -16.52
CA VAL C 166 11.60 -20.04 -15.79
C VAL C 166 10.98 -21.29 -15.17
N GLU C 167 11.11 -21.41 -13.86
CA GLU C 167 10.60 -22.57 -13.14
C GLU C 167 9.32 -22.20 -12.40
N HIS C 168 8.29 -23.03 -12.55
CA HIS C 168 7.00 -22.76 -11.91
C HIS C 168 6.18 -24.05 -11.92
N TRP C 169 5.46 -24.31 -10.84
CA TRP C 169 4.66 -25.51 -10.69
C TRP C 169 3.84 -25.86 -11.95
N GLY C 170 3.18 -24.86 -12.54
CA GLY C 170 2.40 -25.10 -13.75
C GLY C 170 3.27 -25.30 -14.98
N LEU C 171 4.50 -25.73 -14.76
CA LEU C 171 5.43 -25.99 -15.84
C LEU C 171 6.15 -27.29 -15.51
N GLU C 172 5.91 -28.31 -16.33
CA GLU C 172 6.52 -29.61 -16.14
C GLU C 172 8.06 -29.51 -16.17
N GLU C 173 8.55 -28.86 -17.22
CA GLU C 173 9.99 -28.69 -17.40
C GLU C 173 10.32 -27.20 -17.34
N PRO C 174 11.47 -26.87 -16.72
CA PRO C 174 11.84 -25.45 -16.65
C PRO C 174 11.96 -24.87 -18.07
N VAL C 175 11.05 -23.96 -18.41
CA VAL C 175 11.07 -23.35 -19.74
C VAL C 175 12.23 -22.38 -19.93
N LEU C 176 12.85 -22.43 -21.10
CA LEU C 176 13.95 -21.54 -21.44
C LEU C 176 13.54 -20.66 -22.60
N LYS C 177 14.08 -19.45 -22.64
CA LYS C 177 13.75 -18.51 -23.69
C LYS C 177 15.05 -17.92 -24.23
N HIS C 178 15.50 -18.46 -25.34
CA HIS C 178 16.75 -18.03 -25.93
C HIS C 178 16.77 -16.59 -26.42
N TRP C 179 17.98 -16.09 -26.64
CA TRP C 179 18.22 -14.74 -27.16
C TRP C 179 19.68 -14.62 -27.60
N GLU C 180 19.90 -13.94 -28.73
CA GLU C 180 21.25 -13.72 -29.26
C GLU C 180 21.34 -12.35 -29.93
N PRO C 181 22.55 -11.73 -29.92
CA PRO C 181 22.83 -10.41 -30.51
C PRO C 181 23.11 -10.40 -32.03
N ASP D 2 -2.39 -34.67 -0.78
CA ASP D 2 -2.42 -33.51 -1.73
C ASP D 2 -1.84 -32.23 -1.11
N SER D 3 -0.61 -32.31 -0.63
CA SER D 3 0.05 -31.17 -0.01
C SER D 3 0.30 -30.07 -1.04
N GLU D 4 0.52 -30.45 -2.30
CA GLU D 4 0.76 -29.48 -3.36
C GLU D 4 -0.49 -28.68 -3.71
N ARG D 5 -1.45 -28.65 -2.78
CA ARG D 5 -2.69 -27.90 -2.97
C ARG D 5 -2.54 -26.51 -2.35
N HIS D 6 -2.07 -25.57 -3.17
CA HIS D 6 -1.82 -24.20 -2.73
C HIS D 6 -3.07 -23.30 -2.59
N PHE D 7 -2.86 -22.12 -2.01
CA PHE D 7 -3.94 -21.16 -1.79
C PHE D 7 -3.42 -19.72 -1.82
N VAL D 8 -4.33 -18.78 -1.92
CA VAL D 8 -3.98 -17.37 -2.01
C VAL D 8 -5.23 -16.50 -2.06
N VAL D 9 -5.10 -15.29 -1.53
CA VAL D 9 -6.18 -14.29 -1.58
C VAL D 9 -5.48 -13.04 -2.07
N GLN D 10 -6.24 -12.13 -2.68
CA GLN D 10 -5.64 -10.91 -3.16
C GLN D 10 -6.55 -9.74 -2.83
N PHE D 11 -5.94 -8.62 -2.47
CA PHE D 11 -6.70 -7.40 -2.19
C PHE D 11 -6.12 -6.38 -3.17
N GLN D 12 -6.96 -5.95 -4.12
CA GLN D 12 -6.52 -5.02 -5.13
C GLN D 12 -7.29 -3.73 -5.19
N PRO D 13 -6.70 -2.64 -4.66
CA PRO D 13 -7.32 -1.31 -4.66
C PRO D 13 -6.89 -0.53 -5.94
N PHE D 14 -7.78 0.34 -6.41
CA PHE D 14 -7.50 1.14 -7.61
C PHE D 14 -8.08 2.53 -7.45
N CYS D 15 -7.28 3.53 -7.79
CA CYS D 15 -7.69 4.93 -7.74
C CYS D 15 -7.53 5.39 -9.16
N TYR D 16 -8.65 5.61 -9.83
CA TYR D 16 -8.64 6.02 -11.22
C TYR D 16 -8.78 7.54 -11.30
N PHE D 17 -7.71 8.17 -11.77
CA PHE D 17 -7.65 9.62 -11.87
C PHE D 17 -7.79 10.16 -13.29
N THR D 18 -8.83 10.97 -13.49
CA THR D 18 -9.10 11.56 -14.78
C THR D 18 -9.16 13.07 -14.61
N ASN D 19 -8.23 13.76 -15.27
CA ASN D 19 -8.10 15.21 -15.21
C ASN D 19 -7.80 15.59 -13.77
N GLY D 20 -6.54 15.41 -13.38
CA GLY D 20 -6.13 15.70 -12.02
C GLY D 20 -6.97 14.86 -11.08
N THR D 21 -7.49 15.51 -10.04
CA THR D 21 -8.34 14.83 -9.06
C THR D 21 -9.78 15.33 -9.24
N GLN D 22 -10.00 16.09 -10.30
CA GLN D 22 -11.32 16.66 -10.60
C GLN D 22 -12.35 15.59 -10.85
N ARG D 23 -11.89 14.33 -10.88
CA ARG D 23 -12.77 13.20 -11.12
C ARG D 23 -12.06 11.90 -10.75
N ILE D 24 -12.57 11.23 -9.71
CA ILE D 24 -11.96 9.98 -9.24
C ILE D 24 -12.97 8.86 -9.07
N ARG D 25 -12.57 7.64 -9.42
CA ARG D 25 -13.44 6.48 -9.24
C ARG D 25 -12.63 5.51 -8.39
N TYR D 26 -13.19 5.07 -7.27
CA TYR D 26 -12.46 4.19 -6.35
C TYR D 26 -12.94 2.75 -6.35
N VAL D 27 -12.03 1.83 -6.66
CA VAL D 27 -12.39 0.42 -6.74
C VAL D 27 -11.56 -0.49 -5.83
N THR D 28 -12.28 -1.31 -5.07
CA THR D 28 -11.71 -2.24 -4.13
C THR D 28 -12.11 -3.67 -4.51
N ARG D 29 -11.12 -4.49 -4.83
CA ARG D 29 -11.37 -5.87 -5.21
C ARG D 29 -10.86 -6.93 -4.24
N TYR D 30 -11.79 -7.70 -3.68
CA TYR D 30 -11.45 -8.78 -2.75
C TYR D 30 -11.39 -10.07 -3.59
N ILE D 31 -10.20 -10.63 -3.68
CA ILE D 31 -9.98 -11.83 -4.46
C ILE D 31 -9.60 -13.09 -3.69
N TYR D 32 -10.05 -14.23 -4.21
CA TYR D 32 -9.75 -15.54 -3.65
C TYR D 32 -9.14 -16.33 -4.81
N ASN D 33 -7.89 -16.75 -4.63
CA ASN D 33 -7.14 -17.45 -5.67
C ASN D 33 -7.05 -16.48 -6.85
N ARG D 34 -8.05 -16.48 -7.72
CA ARG D 34 -8.03 -15.56 -8.85
C ARG D 34 -9.47 -15.21 -9.26
N GLU D 35 -10.39 -15.47 -8.34
CA GLU D 35 -11.81 -15.21 -8.53
C GLU D 35 -12.10 -13.95 -7.73
N GLU D 36 -12.81 -13.01 -8.30
CA GLU D 36 -13.16 -11.79 -7.56
C GLU D 36 -14.57 -12.01 -6.98
N TYR D 37 -14.66 -12.08 -5.65
CA TYR D 37 -15.93 -12.34 -4.96
C TYR D 37 -16.69 -11.17 -4.36
N LEU D 38 -16.00 -10.05 -4.18
CA LEU D 38 -16.60 -8.85 -3.59
C LEU D 38 -15.85 -7.65 -4.10
N ARG D 39 -16.50 -6.49 -4.08
CA ARG D 39 -15.86 -5.28 -4.60
C ARG D 39 -16.58 -4.00 -4.21
N PHE D 40 -15.82 -2.92 -4.10
CA PHE D 40 -16.39 -1.62 -3.79
C PHE D 40 -16.16 -0.68 -4.98
N ASP D 41 -17.17 0.11 -5.33
CA ASP D 41 -17.04 1.04 -6.44
C ASP D 41 -17.61 2.39 -6.05
N SER D 42 -16.75 3.40 -5.96
CA SER D 42 -17.16 4.73 -5.59
C SER D 42 -18.25 5.22 -6.54
N ASP D 43 -18.51 4.45 -7.59
CA ASP D 43 -19.54 4.80 -8.58
C ASP D 43 -20.84 4.04 -8.30
N VAL D 44 -20.72 2.84 -7.75
CA VAL D 44 -21.92 2.09 -7.40
C VAL D 44 -22.36 2.58 -6.02
N GLY D 45 -21.41 3.16 -5.29
CA GLY D 45 -21.67 3.70 -3.96
C GLY D 45 -21.62 2.72 -2.79
N GLU D 46 -21.43 1.44 -3.06
CA GLU D 46 -21.42 0.47 -2.00
C GLU D 46 -20.69 -0.80 -2.36
N TYR D 47 -20.58 -1.69 -1.38
CA TYR D 47 -19.95 -2.99 -1.55
C TYR D 47 -21.01 -3.84 -2.25
N ARG D 48 -20.58 -4.74 -3.12
CA ARG D 48 -21.51 -5.62 -3.82
C ARG D 48 -20.86 -6.97 -3.95
N ALA D 49 -21.65 -8.03 -3.83
CA ALA D 49 -21.11 -9.37 -3.99
C ALA D 49 -20.92 -9.63 -5.48
N VAL D 50 -19.71 -10.02 -5.89
CA VAL D 50 -19.43 -10.30 -7.31
C VAL D 50 -19.84 -11.73 -7.67
N THR D 51 -19.34 -12.70 -6.91
CA THR D 51 -19.69 -14.09 -7.16
C THR D 51 -20.53 -14.57 -5.99
N GLU D 52 -20.71 -15.88 -5.95
CA GLU D 52 -21.48 -16.53 -4.91
C GLU D 52 -20.71 -16.40 -3.60
N LEU D 53 -19.38 -16.54 -3.71
CA LEU D 53 -18.49 -16.48 -2.56
C LEU D 53 -18.63 -15.21 -1.70
N GLY D 54 -18.82 -14.06 -2.33
CA GLY D 54 -18.96 -12.83 -1.60
C GLY D 54 -20.35 -12.56 -1.05
N ARG D 55 -21.27 -13.50 -1.27
CA ARG D 55 -22.65 -13.33 -0.81
C ARG D 55 -22.68 -13.16 0.72
N PRO D 56 -21.75 -13.81 1.45
CA PRO D 56 -21.75 -13.66 2.92
C PRO D 56 -21.35 -12.24 3.37
N ASP D 57 -20.15 -11.81 2.99
CA ASP D 57 -19.58 -10.51 3.34
C ASP D 57 -20.43 -9.29 3.02
N ALA D 58 -21.02 -9.29 1.83
CA ALA D 58 -21.87 -8.20 1.36
C ALA D 58 -22.54 -7.34 2.44
N GLU D 59 -23.45 -7.93 3.19
CA GLU D 59 -24.16 -7.19 4.24
C GLU D 59 -23.24 -6.72 5.37
N TYR D 60 -22.34 -7.58 5.84
CA TYR D 60 -21.43 -7.22 6.94
C TYR D 60 -20.43 -6.11 6.59
N TYR D 61 -19.91 -6.15 5.37
CA TYR D 61 -18.97 -5.13 4.92
C TYR D 61 -19.68 -3.80 4.74
N ASN D 62 -20.92 -3.82 4.28
CA ASN D 62 -21.64 -2.57 4.07
C ASN D 62 -22.06 -1.92 5.37
N LYS D 63 -22.63 -2.72 6.26
CA LYS D 63 -23.07 -2.22 7.55
C LYS D 63 -21.91 -1.63 8.32
N GLN D 64 -20.78 -2.32 8.31
CA GLN D 64 -19.57 -1.90 9.02
C GLN D 64 -18.71 -0.84 8.32
N TYR D 65 -17.98 -1.26 7.30
CA TYR D 65 -17.04 -0.39 6.59
C TYR D 65 -17.49 0.57 5.46
N LEU D 66 -18.77 0.62 5.12
CA LEU D 66 -19.22 1.49 4.02
C LEU D 66 -18.67 2.92 4.09
N GLU D 67 -19.05 3.65 5.12
CA GLU D 67 -18.62 5.04 5.28
C GLU D 67 -17.11 5.20 5.33
N ARG D 68 -16.42 4.20 5.87
CA ARG D 68 -14.97 4.26 5.97
C ARG D 68 -14.32 4.05 4.60
N THR D 69 -14.93 3.18 3.79
CA THR D 69 -14.44 2.87 2.46
C THR D 69 -14.73 3.99 1.47
N ARG D 70 -15.91 4.59 1.60
CA ARG D 70 -16.30 5.69 0.73
C ARG D 70 -15.33 6.86 0.88
N ALA D 71 -14.92 7.11 2.11
CA ALA D 71 -14.01 8.21 2.43
C ALA D 71 -12.63 8.08 1.78
N GLU D 72 -12.14 6.85 1.65
CA GLU D 72 -10.82 6.59 1.07
C GLU D 72 -10.60 7.26 -0.28
N LEU D 73 -11.70 7.56 -0.97
CA LEU D 73 -11.61 8.24 -2.25
C LEU D 73 -10.87 9.55 -2.02
N ASP D 74 -11.05 10.09 -0.82
CA ASP D 74 -10.41 11.34 -0.41
C ASP D 74 -9.17 11.18 0.46
N THR D 75 -9.23 10.28 1.44
CA THR D 75 -8.10 10.08 2.35
C THR D 75 -6.93 9.32 1.73
N VAL D 76 -7.20 8.44 0.77
CA VAL D 76 -6.13 7.69 0.13
C VAL D 76 -5.92 8.20 -1.30
N CYS D 77 -6.92 7.99 -2.15
CA CYS D 77 -6.85 8.40 -3.55
C CYS D 77 -6.48 9.87 -3.80
N ARG D 78 -7.40 10.77 -3.51
CA ARG D 78 -7.14 12.19 -3.74
C ARG D 78 -5.90 12.63 -2.99
N TYR D 79 -5.84 12.28 -1.71
CA TYR D 79 -4.71 12.65 -0.87
C TYR D 79 -3.36 12.24 -1.44
N ASN D 80 -3.17 10.95 -1.70
CA ASN D 80 -1.91 10.48 -2.23
C ASN D 80 -1.51 11.17 -3.52
N TYR D 81 -2.46 11.25 -4.46
CA TYR D 81 -2.24 11.89 -5.75
C TYR D 81 -1.59 13.27 -5.57
N GLU D 82 -2.31 14.15 -4.87
CA GLU D 82 -1.85 15.51 -4.61
C GLU D 82 -0.66 15.64 -3.67
N GLU D 83 -0.45 14.67 -2.79
CA GLU D 83 0.66 14.81 -1.86
C GLU D 83 1.92 14.05 -2.21
N THR D 84 1.77 12.87 -2.81
CA THR D 84 2.95 12.09 -3.13
C THR D 84 3.21 11.95 -4.61
N GLU D 85 2.13 11.83 -5.39
CA GLU D 85 2.31 11.67 -6.83
C GLU D 85 2.82 12.93 -7.54
N VAL D 86 2.23 14.08 -7.25
CA VAL D 86 2.65 15.33 -7.89
C VAL D 86 4.15 15.63 -7.84
N PRO D 87 4.81 15.34 -6.71
CA PRO D 87 6.25 15.60 -6.59
C PRO D 87 7.18 14.47 -7.05
N THR D 88 6.62 13.30 -7.36
CA THR D 88 7.40 12.15 -7.84
C THR D 88 6.93 11.67 -9.24
N SER D 89 6.04 10.68 -9.26
CA SER D 89 5.49 10.12 -10.50
C SER D 89 5.25 11.16 -11.57
N LEU D 90 4.26 12.00 -11.29
CA LEU D 90 3.84 13.07 -12.18
C LEU D 90 4.82 14.20 -12.15
N ARG D 91 6.10 13.91 -12.38
CA ARG D 91 7.12 14.96 -12.40
C ARG D 91 8.36 14.34 -12.99
N ARG D 92 8.36 13.02 -13.05
CA ARG D 92 9.47 12.29 -13.61
C ARG D 92 9.41 12.49 -15.12
N LEU D 93 10.53 12.93 -15.67
CA LEU D 93 10.63 13.18 -17.09
C LEU D 93 11.98 12.65 -17.55
N GLU D 94 11.97 11.57 -18.31
CA GLU D 94 13.20 10.98 -18.82
C GLU D 94 13.31 11.10 -20.34
N GLN D 95 14.30 11.89 -20.77
CA GLN D 95 14.55 12.11 -22.18
C GLN D 95 14.96 10.79 -22.78
N PRO D 96 14.53 10.51 -24.01
CA PRO D 96 14.88 9.25 -24.66
C PRO D 96 16.14 9.26 -25.50
N ASN D 97 16.69 8.07 -25.73
CA ASN D 97 17.87 7.95 -26.58
C ASN D 97 17.29 7.67 -27.95
N VAL D 98 17.91 8.23 -28.98
CA VAL D 98 17.36 8.06 -30.32
C VAL D 98 18.39 7.71 -31.39
N VAL D 99 18.38 6.46 -31.85
CA VAL D 99 19.33 6.03 -32.90
C VAL D 99 18.61 5.58 -34.16
N ILE D 100 19.35 5.54 -35.24
CA ILE D 100 18.80 5.13 -36.52
C ILE D 100 19.69 4.10 -37.18
N SER D 101 19.17 2.89 -37.37
CA SER D 101 19.93 1.83 -38.03
C SER D 101 19.22 1.38 -39.31
N LEU D 102 20.02 1.16 -40.35
CA LEU D 102 19.51 0.71 -41.64
C LEU D 102 19.32 -0.82 -41.55
N SER D 103 18.12 -1.29 -41.86
CA SER D 103 17.79 -2.71 -41.78
C SER D 103 18.71 -3.67 -42.55
N ARG D 104 18.88 -3.44 -43.83
CA ARG D 104 19.74 -4.30 -44.64
C ARG D 104 20.97 -3.52 -45.03
N THR D 105 21.79 -4.08 -45.90
CA THR D 105 22.98 -3.38 -46.33
C THR D 105 22.51 -2.31 -47.30
N GLU D 106 23.24 -1.20 -47.35
CA GLU D 106 22.84 -0.13 -48.25
C GLU D 106 22.96 -0.58 -49.70
N ALA D 107 22.40 0.21 -50.61
CA ALA D 107 22.41 -0.07 -52.03
C ALA D 107 21.49 0.97 -52.66
N LEU D 108 22.09 1.94 -53.34
CA LEU D 108 21.32 3.00 -53.97
C LEU D 108 20.14 2.48 -54.80
N ASN D 109 18.99 3.14 -54.67
CA ASN D 109 17.79 2.75 -55.39
C ASN D 109 17.29 1.36 -54.98
N HIS D 110 17.64 0.91 -53.78
CA HIS D 110 17.19 -0.40 -53.34
C HIS D 110 16.34 -0.40 -52.07
N HIS D 111 15.18 -1.05 -52.16
CA HIS D 111 14.27 -1.16 -51.05
C HIS D 111 14.94 -1.49 -49.74
N ASN D 112 14.81 -0.59 -48.77
CA ASN D 112 15.40 -0.82 -47.46
C ASN D 112 14.53 -0.18 -46.38
N THR D 113 14.87 -0.49 -45.13
CA THR D 113 14.14 0.03 -43.99
C THR D 113 15.06 0.88 -43.13
N LEU D 114 14.45 1.79 -42.38
CA LEU D 114 15.17 2.67 -41.46
C LEU D 114 14.48 2.56 -40.12
N VAL D 115 15.20 2.05 -39.13
CA VAL D 115 14.60 1.92 -37.82
C VAL D 115 15.12 3.03 -36.90
N CYS D 116 14.21 3.58 -36.14
CA CYS D 116 14.56 4.61 -35.21
C CYS D 116 14.26 4.03 -33.83
N SER D 117 15.30 3.85 -33.01
CA SER D 117 15.12 3.31 -31.67
C SER D 117 15.04 4.43 -30.66
N VAL D 118 13.88 4.52 -30.03
CA VAL D 118 13.60 5.54 -29.03
C VAL D 118 13.41 4.75 -27.75
N THR D 119 14.44 4.81 -26.91
CA THR D 119 14.46 4.05 -25.67
C THR D 119 14.69 4.83 -24.38
N ASP D 120 14.31 4.20 -23.27
CA ASP D 120 14.50 4.76 -21.94
C ASP D 120 13.80 6.10 -21.68
N PHE D 121 12.53 6.22 -21.99
CA PHE D 121 11.85 7.50 -21.76
C PHE D 121 10.70 7.37 -20.80
N TYR D 122 10.27 8.51 -20.26
CA TYR D 122 9.16 8.54 -19.32
C TYR D 122 8.60 9.95 -19.22
N PRO D 123 7.26 10.09 -19.25
CA PRO D 123 6.24 9.04 -19.37
C PRO D 123 6.15 8.36 -20.74
N ALA D 124 5.05 7.64 -20.94
CA ALA D 124 4.78 6.88 -22.17
C ALA D 124 4.33 7.72 -23.37
N LYS D 125 3.51 8.74 -23.13
CA LYS D 125 3.02 9.60 -24.19
C LYS D 125 4.19 10.25 -24.91
N ILE D 126 4.34 9.92 -26.19
CA ILE D 126 5.43 10.44 -27.00
C ILE D 126 5.00 10.43 -28.47
N LYS D 127 5.82 11.00 -29.34
CA LYS D 127 5.50 11.06 -30.77
C LYS D 127 6.77 11.08 -31.63
N VAL D 128 6.88 10.06 -32.48
CA VAL D 128 8.04 9.93 -33.35
C VAL D 128 7.59 10.10 -34.80
N ARG D 129 8.30 10.93 -35.54
CA ARG D 129 7.98 11.16 -36.95
C ARG D 129 9.18 10.92 -37.82
N TRP D 130 8.93 10.67 -39.10
CA TRP D 130 10.02 10.49 -40.06
C TRP D 130 9.91 11.58 -41.13
N PHE D 131 11.06 12.01 -41.63
CA PHE D 131 11.14 13.05 -42.65
C PHE D 131 12.14 12.61 -43.70
N ARG D 132 11.98 13.06 -44.94
CA ARG D 132 12.91 12.74 -46.02
C ARG D 132 13.15 14.07 -46.69
N ASN D 133 14.37 14.59 -46.56
CA ASN D 133 14.70 15.90 -47.12
C ASN D 133 13.70 16.91 -46.54
N GLY D 134 13.67 16.99 -45.20
CA GLY D 134 12.78 17.91 -44.53
C GLY D 134 11.34 17.88 -44.98
N GLN D 135 10.89 16.74 -45.50
CA GLN D 135 9.51 16.61 -45.96
C GLN D 135 8.98 15.34 -45.31
N GLU D 136 7.99 15.48 -44.44
CA GLU D 136 7.46 14.33 -43.71
C GLU D 136 6.96 13.09 -44.47
N GLU D 137 7.52 11.94 -44.10
CA GLU D 137 7.14 10.66 -44.69
C GLU D 137 5.99 10.10 -43.90
N THR D 138 4.86 9.90 -44.57
CA THR D 138 3.69 9.36 -43.91
C THR D 138 3.43 7.93 -44.35
N VAL D 139 3.69 7.64 -45.63
CA VAL D 139 3.48 6.30 -46.14
C VAL D 139 4.64 5.39 -45.79
N GLY D 140 4.34 4.13 -45.47
CA GLY D 140 5.39 3.18 -45.15
C GLY D 140 6.09 3.44 -43.84
N VAL D 141 5.32 3.88 -42.86
CA VAL D 141 5.83 4.16 -41.53
C VAL D 141 5.07 3.28 -40.56
N SER D 142 5.76 2.47 -39.78
CA SER D 142 5.09 1.61 -38.82
C SER D 142 5.85 1.62 -37.52
N SER D 143 5.31 0.96 -36.51
CA SER D 143 5.98 0.92 -35.24
C SER D 143 5.57 -0.26 -34.38
N THR D 144 6.37 -0.49 -33.35
CA THR D 144 6.16 -1.56 -32.38
C THR D 144 5.24 -1.09 -31.28
N GLN D 145 4.82 -2.04 -30.45
CA GLN D 145 3.96 -1.69 -29.36
C GLN D 145 4.79 -1.14 -28.23
N LEU D 146 4.52 0.10 -27.84
CA LEU D 146 5.22 0.74 -26.73
C LEU D 146 5.58 -0.34 -25.69
N ILE D 147 6.86 -0.41 -25.33
CA ILE D 147 7.31 -1.41 -24.37
C ILE D 147 7.56 -0.82 -22.98
N ARG D 148 7.00 -1.49 -21.98
CA ARG D 148 7.16 -1.09 -20.58
C ARG D 148 8.34 -1.91 -20.08
N ASN D 149 9.50 -1.25 -19.96
CA ASN D 149 10.73 -1.88 -19.51
C ASN D 149 10.66 -2.35 -18.07
N GLY D 150 9.71 -1.82 -17.31
CA GLY D 150 9.52 -2.21 -15.91
C GLY D 150 10.36 -1.47 -14.89
N ASP D 151 11.33 -0.70 -15.37
CA ASP D 151 12.20 0.05 -14.49
C ASP D 151 11.86 1.52 -14.67
N TRP D 152 10.57 1.81 -14.64
CA TRP D 152 10.05 3.17 -14.81
C TRP D 152 10.52 3.88 -16.06
N THR D 153 10.45 3.16 -17.18
CA THR D 153 10.85 3.69 -18.47
C THR D 153 10.16 2.89 -19.56
N PHE D 154 10.08 3.48 -20.76
CA PHE D 154 9.44 2.86 -21.93
C PHE D 154 10.34 2.98 -23.13
N GLN D 155 10.07 2.17 -24.15
CA GLN D 155 10.84 2.22 -25.39
C GLN D 155 9.93 1.82 -26.54
N VAL D 156 10.30 2.26 -27.74
CA VAL D 156 9.55 1.93 -28.94
C VAL D 156 10.44 2.10 -30.15
N LEU D 157 10.14 1.34 -31.20
CA LEU D 157 10.88 1.39 -32.45
C LEU D 157 9.90 1.71 -33.56
N VAL D 158 10.28 2.64 -34.43
CA VAL D 158 9.45 3.07 -35.54
C VAL D 158 10.20 2.88 -36.85
N MET D 159 9.62 2.11 -37.76
CA MET D 159 10.25 1.85 -39.04
C MET D 159 9.75 2.75 -40.15
N LEU D 160 10.58 2.91 -41.16
CA LEU D 160 10.25 3.71 -42.30
C LEU D 160 10.75 2.96 -43.50
N GLU D 161 9.87 2.36 -44.29
CA GLU D 161 10.33 1.67 -45.47
C GLU D 161 10.72 2.78 -46.42
N MET D 162 11.91 2.69 -46.98
CA MET D 162 12.37 3.73 -47.86
C MET D 162 13.31 3.24 -48.96
N THR D 163 13.65 4.15 -49.87
CA THR D 163 14.55 3.83 -50.97
C THR D 163 15.70 4.85 -51.01
N PRO D 164 16.88 4.42 -50.54
CA PRO D 164 18.10 5.25 -50.50
C PRO D 164 18.59 5.77 -51.85
N ARG D 165 18.53 7.09 -52.02
CA ARG D 165 18.96 7.75 -53.25
C ARG D 165 19.98 8.87 -52.97
N ARG D 166 20.91 9.06 -53.90
CA ARG D 166 21.97 10.08 -53.79
C ARG D 166 21.54 11.37 -53.10
N GLY D 167 22.35 11.81 -52.14
CA GLY D 167 22.08 13.05 -51.41
C GLY D 167 20.90 13.10 -50.45
N GLU D 168 20.18 11.99 -50.25
CA GLU D 168 19.04 11.99 -49.33
C GLU D 168 19.43 11.99 -47.86
N VAL D 169 18.66 12.75 -47.08
CA VAL D 169 18.88 12.88 -45.64
C VAL D 169 17.56 12.64 -44.94
N TYR D 170 17.38 11.44 -44.40
CA TYR D 170 16.16 11.09 -43.66
C TYR D 170 16.32 11.55 -42.22
N THR D 171 15.22 11.93 -41.57
CA THR D 171 15.31 12.37 -40.19
C THR D 171 14.28 11.78 -39.23
N CYS D 172 14.73 11.34 -38.07
CA CYS D 172 13.78 10.83 -37.09
C CYS D 172 13.47 12.01 -36.17
N HIS D 173 12.18 12.26 -35.98
CA HIS D 173 11.69 13.39 -35.18
C HIS D 173 10.98 12.91 -33.91
N VAL D 174 11.56 13.21 -32.74
CA VAL D 174 10.94 12.78 -31.49
C VAL D 174 10.52 13.95 -30.58
N GLU D 175 9.24 13.98 -30.23
CA GLU D 175 8.70 15.03 -29.37
C GLU D 175 8.25 14.40 -28.06
N HIS D 176 8.75 14.92 -26.95
CA HIS D 176 8.41 14.35 -25.64
C HIS D 176 8.26 15.45 -24.61
N PRO D 177 7.41 15.23 -23.58
CA PRO D 177 7.15 16.20 -22.51
C PRO D 177 8.44 16.62 -21.78
N SER D 178 9.49 15.83 -21.97
CA SER D 178 10.76 16.08 -21.35
C SER D 178 11.68 16.85 -22.26
N LEU D 179 11.20 17.22 -23.45
CA LEU D 179 12.04 17.96 -24.39
C LEU D 179 11.61 19.39 -24.62
N LYS D 180 12.54 20.31 -24.40
CA LYS D 180 12.29 21.73 -24.62
C LYS D 180 12.07 21.91 -26.11
N SER D 181 12.76 21.07 -26.88
CA SER D 181 12.65 21.08 -28.33
C SER D 181 12.86 19.64 -28.79
N PRO D 182 12.35 19.28 -29.98
CA PRO D 182 12.48 17.92 -30.52
C PRO D 182 13.88 17.40 -30.72
N ILE D 183 14.06 16.11 -30.49
CA ILE D 183 15.34 15.48 -30.71
C ILE D 183 15.25 15.12 -32.18
N THR D 184 16.28 15.45 -32.94
CA THR D 184 16.29 15.12 -34.36
C THR D 184 17.56 14.38 -34.71
N VAL D 185 17.41 13.23 -35.34
CA VAL D 185 18.57 12.45 -35.74
C VAL D 185 18.49 12.21 -37.23
N GLU D 186 19.60 12.46 -37.91
CA GLU D 186 19.64 12.27 -39.35
C GLU D 186 20.29 10.94 -39.72
N TRP D 187 20.06 10.54 -40.95
CA TRP D 187 20.66 9.34 -41.52
C TRP D 187 20.98 9.76 -42.94
N ARG D 188 22.26 9.70 -43.31
CA ARG D 188 22.64 10.10 -44.65
C ARG D 188 22.86 8.94 -45.60
N ALA D 189 22.36 9.09 -46.82
CA ALA D 189 22.53 8.07 -47.84
C ALA D 189 23.93 8.28 -48.40
N ARG E 1 3.91 11.63 3.89
CA ARG E 1 3.57 10.25 4.21
C ARG E 1 2.29 9.95 3.46
N GLY E 2 2.29 8.87 2.71
CA GLY E 2 1.12 8.51 1.95
C GLY E 2 0.36 7.45 2.70
N GLY E 3 -0.94 7.37 2.44
CA GLY E 3 -1.79 6.38 3.08
C GLY E 3 -1.99 5.17 2.20
N ALA E 4 -2.84 4.26 2.65
CA ALA E 4 -3.11 3.05 1.89
C ALA E 4 -4.53 2.57 2.17
N SER E 5 -5.12 1.85 1.21
CA SER E 5 -6.48 1.34 1.38
C SER E 5 -6.50 0.21 2.39
N GLN E 6 -7.47 0.22 3.31
CA GLN E 6 -7.55 -0.84 4.29
C GLN E 6 -8.20 -2.10 3.76
N TYR E 7 -7.42 -3.18 3.81
CA TYR E 7 -7.89 -4.49 3.39
C TYR E 7 -8.79 -4.91 4.58
N ARG E 8 -10.09 -4.71 4.44
CA ARG E 8 -11.01 -5.07 5.50
C ARG E 8 -10.98 -6.56 5.82
N PRO E 9 -11.28 -6.91 7.08
CA PRO E 9 -11.28 -8.32 7.51
C PRO E 9 -12.68 -8.88 7.26
N SER E 10 -12.91 -10.17 7.52
CA SER E 10 -14.25 -10.69 7.32
C SER E 10 -14.75 -11.59 8.43
N GLN E 11 -16.03 -11.98 8.31
CA GLN E 11 -16.70 -12.85 9.27
C GLN E 11 -17.12 -12.01 10.47
#